data_8X6K
#
_entry.id   8X6K
#
_cell.length_a   110.074
_cell.length_b   110.074
_cell.length_c   57.728
_cell.angle_alpha   90.000
_cell.angle_beta   90.000
_cell.angle_gamma   120.000
#
_symmetry.space_group_name_H-M   'P 32 2 1'
#
loop_
_entity.id
_entity.type
_entity.pdbx_description
1 polymer "tRNA (cytidine(56)-2'-O)-methyltransferase"
2 water water
#
_entity_poly.entity_id   1
_entity_poly.type   'polypeptide(L)'
_entity_poly.pdbx_seq_one_letter_code
;MITVLRINHRPYRDKRITTHVALTARAFGASAILVDERDETLENTIRGVISNFGGSFSIKTG(CME)NWIQEFKHFQGIR
VHLTMYGRRINDVIDEIRNSGKDVMVLVGSEKVPIEAYEIADYNVSVTNQPISEVSALAIFLDRYFQGKEFEFEF
;
_entity_poly.pdbx_strand_id   A,B
#
# COMPACT_ATOMS: atom_id res chain seq x y z
N MET A 1 17.09 10.94 7.51
CA MET A 1 16.04 10.18 8.23
C MET A 1 14.68 10.64 7.70
N ILE A 2 13.75 9.68 7.54
CA ILE A 2 12.40 10.00 7.10
C ILE A 2 11.44 9.80 8.26
N THR A 3 10.61 10.83 8.52
CA THR A 3 9.53 10.77 9.48
C THR A 3 8.20 10.86 8.72
N VAL A 4 7.31 9.89 8.95
CA VAL A 4 5.98 9.94 8.38
C VAL A 4 5.07 10.70 9.33
N LEU A 5 4.24 11.59 8.79
CA LEU A 5 3.23 12.29 9.52
C LEU A 5 1.87 11.85 8.97
N ARG A 6 1.13 11.10 9.79
CA ARG A 6 -0.14 10.52 9.42
C ARG A 6 -1.25 11.34 10.03
N ILE A 7 -2.03 11.98 9.14
CA ILE A 7 -3.15 12.77 9.56
C ILE A 7 -4.48 12.11 9.18
N ASN A 8 -5.51 12.64 9.82
CA ASN A 8 -6.90 12.20 9.71
CA ASN A 8 -6.90 12.18 9.69
C ASN A 8 -7.03 10.77 10.26
N HIS A 9 -6.23 10.46 11.28
CA HIS A 9 -6.45 9.22 12.02
C HIS A 9 -7.67 9.40 12.90
N ARG A 10 -8.61 8.47 12.79
CA ARG A 10 -9.86 8.52 13.53
C ARG A 10 -10.02 7.18 14.24
N PRO A 11 -9.50 7.08 15.47
CA PRO A 11 -9.36 5.75 16.08
C PRO A 11 -10.63 5.01 16.46
N TYR A 12 -11.73 5.78 16.55
CA TYR A 12 -13.01 5.17 16.88
C TYR A 12 -13.77 4.79 15.61
N ARG A 13 -13.22 5.16 14.44
CA ARG A 13 -13.75 4.82 13.13
C ARG A 13 -13.02 3.60 12.62
N ASP A 14 -11.70 3.65 12.64
CA ASP A 14 -10.89 2.57 12.07
C ASP A 14 -9.46 2.75 12.59
N LYS A 15 -8.78 1.63 12.87
CA LYS A 15 -7.37 1.69 13.23
C LYS A 15 -6.57 0.87 12.24
N ARG A 16 -7.23 0.11 11.39
CA ARG A 16 -6.53 -0.78 10.49
C ARG A 16 -5.70 -0.02 9.46
N ILE A 17 -6.30 0.95 8.77
CA ILE A 17 -5.55 1.66 7.73
C ILE A 17 -4.34 2.38 8.32
N THR A 18 -4.49 3.07 9.47
CA THR A 18 -3.34 3.73 10.04
C THR A 18 -2.29 2.74 10.50
N THR A 19 -2.72 1.60 11.04
CA THR A 19 -1.75 0.58 11.41
C THR A 19 -1.01 0.12 10.17
N HIS A 20 -1.71 -0.11 9.07
CA HIS A 20 -1.05 -0.49 7.83
C HIS A 20 -0.05 0.56 7.35
N VAL A 21 -0.41 1.84 7.51
CA VAL A 21 0.50 2.91 7.19
C VAL A 21 1.77 2.81 8.05
N ALA A 22 1.61 2.62 9.37
CA ALA A 22 2.76 2.56 10.26
C ALA A 22 3.64 1.35 9.94
N LEU A 23 3.03 0.19 9.68
CA LEU A 23 3.81 -1.01 9.36
C LEU A 23 4.63 -0.81 8.09
N THR A 24 4.02 -0.13 7.10
CA THR A 24 4.66 0.18 5.85
C THR A 24 5.81 1.17 6.07
N ALA A 25 5.56 2.23 6.85
CA ALA A 25 6.60 3.22 7.15
C ALA A 25 7.84 2.49 7.71
N ARG A 26 7.60 1.63 8.69
CA ARG A 26 8.69 0.92 9.35
C ARG A 26 9.38 -0.03 8.37
N ALA A 27 8.62 -0.86 7.65
CA ALA A 27 9.22 -1.92 6.86
C ALA A 27 9.97 -1.37 5.65
N PHE A 28 9.53 -0.19 5.18
CA PHE A 28 10.06 0.41 3.97
C PHE A 28 11.09 1.49 4.27
N GLY A 29 11.50 1.66 5.56
CA GLY A 29 12.74 2.38 5.86
C GLY A 29 12.60 3.77 6.46
N ALA A 30 11.37 4.21 6.75
CA ALA A 30 11.22 5.39 7.58
C ALA A 30 11.72 5.06 9.01
N SER A 31 12.14 6.12 9.72
CA SER A 31 12.64 6.00 11.08
C SER A 31 11.59 6.19 12.16
N ALA A 32 10.51 6.90 11.84
CA ALA A 32 9.55 7.37 12.82
C ALA A 32 8.20 7.65 12.13
N ILE A 33 7.14 7.58 12.91
CA ILE A 33 5.82 8.04 12.46
C ILE A 33 5.21 8.85 13.60
N LEU A 34 4.55 9.95 13.23
CA LEU A 34 3.79 10.81 14.10
C LEU A 34 2.36 10.76 13.61
N VAL A 35 1.43 10.55 14.54
CA VAL A 35 0.02 10.44 14.17
C VAL A 35 -0.76 11.53 14.89
N ASP A 36 -1.71 12.16 14.18
CA ASP A 36 -2.46 13.31 14.73
C ASP A 36 -3.28 12.92 15.96
N GLU A 37 -4.22 11.99 15.86
CA GLU A 37 -5.06 11.66 17.02
CA GLU A 37 -5.03 11.69 17.04
C GLU A 37 -4.31 10.65 17.90
N ARG A 38 -4.43 10.84 19.22
CA ARG A 38 -3.88 9.88 20.16
C ARG A 38 -4.53 8.53 19.97
N ASP A 39 -3.69 7.49 19.98
CA ASP A 39 -4.18 6.14 19.84
C ASP A 39 -3.21 5.19 20.54
N GLU A 40 -3.53 4.81 21.79
CA GLU A 40 -2.62 3.97 22.57
C GLU A 40 -2.59 2.56 22.03
N THR A 41 -3.70 2.07 21.50
CA THR A 41 -3.77 0.76 20.85
C THR A 41 -2.77 0.69 19.70
N LEU A 42 -2.78 1.73 18.85
CA LEU A 42 -1.81 1.80 17.78
C LEU A 42 -0.38 1.82 18.30
N GLU A 43 -0.11 2.67 19.30
CA GLU A 43 1.23 2.75 19.86
C GLU A 43 1.68 1.36 20.31
N ASN A 44 0.82 0.65 21.04
CA ASN A 44 1.22 -0.64 21.61
C ASN A 44 1.40 -1.68 20.52
N THR A 45 0.56 -1.64 19.48
CA THR A 45 0.67 -2.57 18.37
C THR A 45 2.03 -2.44 17.73
N ILE A 46 2.38 -1.18 17.37
CA ILE A 46 3.60 -0.94 16.63
C ILE A 46 4.81 -1.20 17.52
N ARG A 47 4.73 -0.86 18.83
CA ARG A 47 5.80 -1.15 19.78
C ARG A 47 6.01 -2.67 19.99
N GLY A 48 4.93 -3.42 19.90
CA GLY A 48 4.95 -4.88 19.90
C GLY A 48 5.74 -5.43 18.71
N VAL A 49 5.44 -4.92 17.52
CA VAL A 49 6.23 -5.22 16.34
C VAL A 49 7.72 -4.95 16.50
N ILE A 50 8.07 -3.75 17.02
CA ILE A 50 9.46 -3.41 17.20
C ILE A 50 10.10 -4.41 18.17
N SER A 51 9.36 -4.78 19.22
CA SER A 51 9.90 -5.70 20.23
C SER A 51 10.25 -7.05 19.61
N ASN A 52 9.35 -7.59 18.78
CA ASN A 52 9.50 -8.91 18.19
C ASN A 52 10.43 -8.89 16.99
N PHE A 53 10.38 -7.82 16.17
CA PHE A 53 11.08 -7.85 14.90
C PHE A 53 12.31 -6.99 14.87
N GLY A 54 12.55 -6.18 15.90
CA GLY A 54 13.82 -5.45 15.94
C GLY A 54 13.79 -4.05 15.29
N GLY A 55 14.97 -3.43 15.24
CA GLY A 55 15.13 -2.08 14.69
C GLY A 55 14.80 -1.00 15.73
N SER A 56 14.92 0.29 15.34
CA SER A 56 14.71 1.38 16.27
C SER A 56 13.58 2.36 15.88
N PHE A 57 12.59 1.88 15.17
CA PHE A 57 11.51 2.74 14.76
C PHE A 57 10.77 3.35 15.93
N SER A 58 10.25 4.58 15.77
CA SER A 58 9.48 5.17 16.83
CA SER A 58 9.55 5.34 16.79
C SER A 58 8.11 5.61 16.32
N ILE A 59 7.14 5.53 17.22
CA ILE A 59 5.80 6.02 16.97
C ILE A 59 5.40 6.97 18.11
N LYS A 60 4.80 8.10 17.74
CA LYS A 60 4.09 8.95 18.66
C LYS A 60 2.74 9.34 18.08
N THR A 61 1.78 9.53 18.98
CA THR A 61 0.42 9.88 18.60
C THR A 61 -0.04 11.03 19.48
N GLY A 62 -1.07 11.74 19.01
CA GLY A 62 -1.57 12.93 19.72
C GLY A 62 -0.68 14.12 19.39
N CME A 63 -0.44 14.36 18.11
CA CME A 63 0.51 15.35 17.63
CB CME A 63 1.51 14.74 16.65
SG CME A 63 2.41 13.33 17.37
SD CME A 63 3.92 14.33 18.29
CE CME A 63 3.14 14.35 19.91
CZ CME A 63 3.49 13.28 20.91
OH CME A 63 4.44 13.76 21.82
C CME A 63 -0.32 16.42 16.90
O CME A 63 -1.35 16.12 16.32
N ASN A 64 0.10 17.68 17.01
CA ASN A 64 -0.52 18.76 16.27
C ASN A 64 0.14 18.80 14.88
N TRP A 65 -0.55 18.27 13.87
CA TRP A 65 0.11 18.02 12.61
C TRP A 65 0.53 19.30 11.90
N ILE A 66 -0.25 20.37 12.01
CA ILE A 66 0.14 21.62 11.35
C ILE A 66 1.45 22.12 11.94
N GLN A 67 1.56 22.09 13.28
CA GLN A 67 2.78 22.52 13.93
C GLN A 67 3.96 21.62 13.55
N GLU A 68 3.78 20.27 13.52
CA GLU A 68 4.88 19.39 13.24
C GLU A 68 5.37 19.61 11.81
N PHE A 69 4.43 19.81 10.88
CA PHE A 69 4.77 19.90 9.47
C PHE A 69 5.44 21.23 9.18
N LYS A 70 4.79 22.29 9.67
CA LYS A 70 5.28 23.65 9.44
C LYS A 70 6.68 23.84 9.99
N HIS A 71 7.01 23.30 11.17
CA HIS A 71 8.30 23.55 11.84
C HIS A 71 9.29 22.41 11.71
N PHE A 72 8.97 21.39 10.91
CA PHE A 72 9.94 20.33 10.68
C PHE A 72 11.23 20.85 10.05
N GLN A 73 12.37 20.38 10.56
CA GLN A 73 13.67 20.86 10.08
C GLN A 73 14.17 19.96 8.95
N GLY A 74 13.74 20.26 7.73
CA GLY A 74 14.00 19.36 6.62
C GLY A 74 12.95 19.56 5.54
N ILE A 75 12.93 18.66 4.59
CA ILE A 75 11.97 18.78 3.47
C ILE A 75 10.62 18.21 3.89
N ARG A 76 9.57 18.99 3.59
CA ARG A 76 8.19 18.64 3.88
C ARG A 76 7.60 18.14 2.58
N VAL A 77 7.26 16.84 2.58
CA VAL A 77 6.62 16.21 1.43
C VAL A 77 5.18 15.87 1.83
N HIS A 78 4.28 16.17 0.91
CA HIS A 78 2.88 15.82 1.06
C HIS A 78 2.51 14.86 -0.06
N LEU A 79 2.07 13.62 0.29
CA LEU A 79 1.69 12.66 -0.74
C LEU A 79 0.22 12.87 -1.07
N THR A 80 -0.08 13.17 -2.32
CA THR A 80 -1.40 13.53 -2.77
C THR A 80 -1.55 13.15 -4.22
N MET A 81 -2.76 12.80 -4.65
CA MET A 81 -2.94 12.56 -6.07
C MET A 81 -2.93 13.87 -6.91
N TYR A 82 -3.02 15.02 -6.24
CA TYR A 82 -3.13 16.31 -6.91
C TYR A 82 -1.79 17.05 -6.85
N GLY A 83 -0.70 16.29 -6.80
CA GLY A 83 0.64 16.81 -6.68
C GLY A 83 1.46 16.60 -7.95
N ARG A 84 2.75 16.88 -7.82
CA ARG A 84 3.67 16.65 -8.92
C ARG A 84 4.07 15.19 -9.05
N ARG A 85 4.25 14.74 -10.29
CA ARG A 85 4.82 13.44 -10.57
C ARG A 85 6.06 13.11 -9.73
N ILE A 86 6.01 11.99 -8.99
CA ILE A 86 7.10 11.66 -8.09
C ILE A 86 8.45 11.59 -8.80
N ASN A 87 8.50 11.03 -10.03
CA ASN A 87 9.80 10.87 -10.70
C ASN A 87 10.40 12.20 -11.14
N ASP A 88 9.63 13.30 -11.14
CA ASP A 88 10.21 14.60 -11.43
C ASP A 88 11.05 15.12 -10.27
N VAL A 89 10.75 14.66 -9.04
CA VAL A 89 11.26 15.35 -7.88
C VAL A 89 11.99 14.43 -6.91
N ILE A 90 11.83 13.11 -7.05
CA ILE A 90 12.38 12.21 -6.05
C ILE A 90 13.92 12.35 -6.00
N ASP A 91 14.59 12.57 -7.14
CA ASP A 91 16.05 12.64 -7.12
C ASP A 91 16.56 13.84 -6.32
N GLU A 92 15.98 15.03 -6.53
CA GLU A 92 16.36 16.27 -5.84
C GLU A 92 16.19 16.09 -4.33
N ILE A 93 15.07 15.45 -3.99
CA ILE A 93 14.73 15.21 -2.58
C ILE A 93 15.78 14.28 -1.98
N ARG A 94 16.07 13.15 -2.62
CA ARG A 94 17.05 12.20 -2.11
C ARG A 94 18.44 12.85 -2.01
N ASN A 95 18.84 13.61 -3.04
CA ASN A 95 20.22 14.10 -3.14
C ASN A 95 20.44 15.37 -2.32
N SER A 96 19.39 15.92 -1.72
CA SER A 96 19.51 17.09 -0.85
C SER A 96 20.29 16.79 0.43
N GLY A 97 20.34 15.51 0.83
CA GLY A 97 20.89 15.07 2.11
C GLY A 97 20.07 15.52 3.31
N LYS A 98 18.85 16.07 3.10
CA LYS A 98 18.10 16.60 4.20
C LYS A 98 17.23 15.48 4.79
N ASP A 99 16.81 15.65 6.06
CA ASP A 99 15.74 14.84 6.60
C ASP A 99 14.46 15.17 5.86
N VAL A 100 13.51 14.21 5.83
CA VAL A 100 12.26 14.37 5.11
C VAL A 100 11.08 14.00 5.99
N MET A 101 10.03 14.83 5.99
CA MET A 101 8.80 14.47 6.69
C MET A 101 7.77 14.29 5.59
N VAL A 102 7.12 13.09 5.58
CA VAL A 102 6.16 12.73 4.55
C VAL A 102 4.76 12.64 5.15
N LEU A 103 3.89 13.56 4.72
CA LEU A 103 2.54 13.67 5.20
C LEU A 103 1.65 12.77 4.36
N VAL A 104 0.93 11.87 5.08
CA VAL A 104 -0.01 10.96 4.46
C VAL A 104 -1.34 11.16 5.17
N GLY A 105 -2.33 11.48 4.38
CA GLY A 105 -3.64 11.79 4.86
C GLY A 105 -4.61 10.71 4.53
N SER A 106 -5.89 11.07 4.62
CA SER A 106 -7.00 10.17 4.31
C SER A 106 -8.23 11.05 4.12
N GLU A 107 -9.18 10.62 3.30
CA GLU A 107 -10.30 11.42 2.85
CA GLU A 107 -10.31 11.46 2.93
C GLU A 107 -9.78 12.74 2.24
N LYS A 108 -10.43 13.87 2.48
CA LYS A 108 -9.89 15.13 2.02
C LYS A 108 -8.83 15.60 3.01
N VAL A 109 -7.76 16.17 2.49
CA VAL A 109 -6.72 16.70 3.33
C VAL A 109 -6.92 18.20 3.36
N PRO A 110 -6.66 18.88 4.49
CA PRO A 110 -6.82 20.31 4.56
C PRO A 110 -5.87 20.99 3.59
N ILE A 111 -6.29 22.18 3.12
CA ILE A 111 -5.53 22.91 2.14
C ILE A 111 -4.16 23.25 2.70
N GLU A 112 -4.04 23.44 4.02
CA GLU A 112 -2.75 23.74 4.62
C GLU A 112 -1.66 22.71 4.31
N ALA A 113 -1.99 21.42 4.13
CA ALA A 113 -1.00 20.43 3.78
C ALA A 113 -0.30 20.85 2.48
N TYR A 114 -1.12 21.25 1.50
CA TYR A 114 -0.56 21.66 0.20
C TYR A 114 0.26 22.94 0.29
N GLU A 115 -0.21 23.89 1.10
CA GLU A 115 0.44 25.18 1.25
C GLU A 115 1.75 25.06 2.01
N ILE A 116 1.85 24.17 3.01
CA ILE A 116 3.04 24.08 3.83
C ILE A 116 4.13 23.28 3.13
N ALA A 117 3.74 22.25 2.37
CA ALA A 117 4.69 21.30 1.82
C ALA A 117 5.70 21.99 0.90
N ASP A 118 6.94 21.53 0.96
CA ASP A 118 7.95 21.91 -0.02
C ASP A 118 7.64 21.24 -1.33
N TYR A 119 7.13 19.98 -1.24
CA TYR A 119 6.79 19.22 -2.43
C TYR A 119 5.49 18.47 -2.22
N ASN A 120 4.53 18.78 -3.06
CA ASN A 120 3.31 17.97 -3.17
C ASN A 120 3.56 16.93 -4.24
N VAL A 121 3.46 15.64 -3.86
CA VAL A 121 4.02 14.56 -4.66
C VAL A 121 2.95 13.50 -4.93
N SER A 122 2.74 13.21 -6.22
CA SER A 122 1.80 12.23 -6.73
C SER A 122 2.53 11.01 -7.23
N VAL A 123 2.24 9.86 -6.59
CA VAL A 123 2.67 8.56 -7.05
C VAL A 123 1.80 8.16 -8.24
N THR A 124 0.57 8.64 -8.30
CA THR A 124 -0.30 8.46 -9.44
C THR A 124 -1.31 9.57 -9.32
N ASN A 125 -1.95 9.93 -10.43
CA ASN A 125 -3.07 10.85 -10.43
C ASN A 125 -4.39 10.17 -10.13
N GLN A 126 -4.36 8.86 -9.94
CA GLN A 126 -5.57 8.12 -9.64
C GLN A 126 -5.78 7.96 -8.14
N PRO A 127 -7.02 7.80 -7.68
CA PRO A 127 -7.30 7.52 -6.28
C PRO A 127 -6.64 6.21 -5.86
N ILE A 128 -5.87 6.28 -4.78
CA ILE A 128 -5.17 5.09 -4.33
C ILE A 128 -5.15 5.17 -2.80
N SER A 129 -4.74 4.07 -2.22
CA SER A 129 -4.50 3.98 -0.81
C SER A 129 -3.27 4.81 -0.41
N GLU A 130 -3.39 5.49 0.73
CA GLU A 130 -2.24 6.13 1.35
C GLU A 130 -1.16 5.09 1.66
N VAL A 131 -1.55 3.84 1.91
CA VAL A 131 -0.59 2.81 2.23
C VAL A 131 0.28 2.57 1.01
N SER A 132 -0.35 2.42 -0.17
CA SER A 132 0.43 2.14 -1.38
C SER A 132 1.19 3.39 -1.85
N ALA A 133 0.64 4.57 -1.62
CA ALA A 133 1.33 5.81 -1.97
C ALA A 133 2.63 5.89 -1.17
N LEU A 134 2.51 5.63 0.15
CA LEU A 134 3.67 5.68 1.00
C LEU A 134 4.70 4.62 0.59
N ALA A 135 4.24 3.38 0.34
CA ALA A 135 5.14 2.29 -0.08
C ALA A 135 5.97 2.71 -1.28
N ILE A 136 5.33 3.30 -2.27
CA ILE A 136 6.03 3.61 -3.51
C ILE A 136 6.95 4.81 -3.28
N PHE A 137 6.48 5.82 -2.55
CA PHE A 137 7.34 6.92 -2.17
C PHE A 137 8.64 6.44 -1.54
N LEU A 138 8.54 5.62 -0.49
CA LEU A 138 9.73 5.13 0.19
C LEU A 138 10.59 4.26 -0.72
N ASP A 139 9.94 3.42 -1.52
CA ASP A 139 10.64 2.55 -2.44
C ASP A 139 11.48 3.37 -3.42
N ARG A 140 10.91 4.47 -3.92
CA ARG A 140 11.61 5.32 -4.87
C ARG A 140 12.69 6.11 -4.16
N TYR A 141 12.41 6.59 -2.95
CA TYR A 141 13.41 7.28 -2.15
C TYR A 141 14.65 6.42 -1.96
N PHE A 142 14.45 5.16 -1.55
CA PHE A 142 15.55 4.25 -1.27
C PHE A 142 16.00 3.43 -2.49
N GLN A 143 15.46 3.72 -3.68
CA GLN A 143 15.80 3.07 -4.94
C GLN A 143 15.71 1.55 -4.84
N GLY A 144 14.68 1.04 -4.18
CA GLY A 144 14.46 -0.40 -4.15
C GLY A 144 15.35 -1.19 -3.17
N LYS A 145 16.16 -0.53 -2.34
CA LYS A 145 17.13 -1.21 -1.50
C LYS A 145 16.59 -1.42 -0.09
N GLU A 146 15.39 -0.90 0.19
CA GLU A 146 15.01 -0.81 1.59
C GLU A 146 14.79 -2.19 2.21
N PHE A 147 14.45 -3.19 1.40
CA PHE A 147 14.17 -4.52 1.94
C PHE A 147 15.48 -5.21 2.31
N GLU A 148 16.63 -4.64 1.93
CA GLU A 148 17.93 -5.11 2.40
C GLU A 148 18.30 -4.49 3.75
N PHE A 149 17.52 -3.52 4.26
CA PHE A 149 17.87 -2.86 5.51
C PHE A 149 17.70 -3.83 6.68
N GLU A 150 18.59 -3.68 7.68
CA GLU A 150 18.64 -4.66 8.76
C GLU A 150 17.80 -4.16 9.95
N PHE A 151 17.11 -5.10 10.61
CA PHE A 151 16.31 -4.75 11.79
C PHE A 151 17.02 -5.27 13.05
N MET B 1 -2.97 -9.40 -19.22
CA MET B 1 -3.95 -8.77 -18.31
C MET B 1 -3.70 -9.38 -16.92
N ILE B 2 -3.77 -8.55 -15.88
CA ILE B 2 -3.64 -9.02 -14.49
C ILE B 2 -4.99 -8.87 -13.82
N THR B 3 -5.34 -9.91 -13.08
CA THR B 3 -6.52 -9.92 -12.27
C THR B 3 -6.01 -10.16 -10.84
N VAL B 4 -6.52 -9.34 -9.96
CA VAL B 4 -6.35 -9.53 -8.52
C VAL B 4 -7.52 -10.35 -7.99
N LEU B 5 -7.17 -11.39 -7.22
CA LEU B 5 -8.13 -12.18 -6.50
C LEU B 5 -7.94 -11.91 -5.00
N ARG B 6 -8.89 -11.19 -4.42
CA ARG B 6 -8.83 -10.77 -3.04
C ARG B 6 -9.76 -11.66 -2.24
N ILE B 7 -9.15 -12.40 -1.30
CA ILE B 7 -9.89 -13.30 -0.45
C ILE B 7 -9.88 -12.80 1.00
N ASN B 8 -10.71 -13.46 1.82
CA ASN B 8 -10.91 -13.08 3.23
C ASN B 8 -11.49 -11.68 3.37
N HIS B 9 -12.31 -11.27 2.41
CA HIS B 9 -13.07 -10.05 2.55
C HIS B 9 -14.29 -10.34 3.42
N ARG B 10 -14.43 -9.60 4.52
CA ARG B 10 -15.59 -9.66 5.38
C ARG B 10 -16.38 -8.37 5.16
N PRO B 11 -17.52 -8.45 4.46
CA PRO B 11 -18.34 -7.29 4.10
C PRO B 11 -18.65 -6.39 5.27
N TYR B 12 -18.88 -6.98 6.44
CA TYR B 12 -19.24 -6.17 7.60
C TYR B 12 -18.05 -5.57 8.34
N ARG B 13 -16.79 -5.83 7.92
CA ARG B 13 -15.61 -5.28 8.59
C ARG B 13 -14.59 -4.67 7.60
N ASP B 14 -14.49 -5.20 6.37
CA ASP B 14 -13.27 -4.98 5.57
C ASP B 14 -13.50 -4.10 4.36
N LYS B 15 -14.56 -3.30 4.34
CA LYS B 15 -14.85 -2.51 3.16
C LYS B 15 -13.68 -1.58 2.85
N ARG B 16 -13.12 -0.93 3.88
CA ARG B 16 -12.07 0.04 3.67
C ARG B 16 -10.83 -0.65 3.11
N ILE B 17 -10.33 -1.69 3.78
CA ILE B 17 -9.09 -2.30 3.35
C ILE B 17 -9.25 -2.90 1.95
N THR B 18 -10.43 -3.50 1.69
CA THR B 18 -10.62 -4.13 0.38
C THR B 18 -10.73 -3.07 -0.71
N THR B 19 -11.32 -1.93 -0.33
CA THR B 19 -11.38 -0.80 -1.23
C THR B 19 -9.99 -0.34 -1.58
N HIS B 20 -9.16 -0.15 -0.56
CA HIS B 20 -7.76 0.18 -0.78
C HIS B 20 -7.02 -0.82 -1.67
N VAL B 21 -7.24 -2.16 -1.49
CA VAL B 21 -6.67 -3.13 -2.40
C VAL B 21 -7.15 -2.89 -3.84
N ALA B 22 -8.46 -2.68 -4.05
CA ALA B 22 -9.03 -2.52 -5.39
C ALA B 22 -8.49 -1.28 -6.06
N LEU B 23 -8.43 -0.16 -5.33
CA LEU B 23 -7.95 1.08 -5.94
C LEU B 23 -6.48 0.95 -6.31
N THR B 24 -5.68 0.26 -5.48
CA THR B 24 -4.28 0.04 -5.76
C THR B 24 -4.15 -0.86 -7.01
N ALA B 25 -4.92 -1.92 -7.06
CA ALA B 25 -4.91 -2.81 -8.23
C ALA B 25 -5.17 -2.01 -9.51
N ARG B 26 -6.23 -1.22 -9.47
CA ARG B 26 -6.62 -0.42 -10.64
C ARG B 26 -5.50 0.57 -11.02
N ALA B 27 -5.02 1.34 -10.04
CA ALA B 27 -4.07 2.42 -10.35
C ALA B 27 -2.75 1.91 -10.88
N PHE B 28 -2.36 0.71 -10.48
CA PHE B 28 -1.04 0.22 -10.75
C PHE B 28 -1.11 -0.90 -11.79
N GLY B 29 -2.21 -0.96 -12.53
CA GLY B 29 -2.22 -1.55 -13.88
C GLY B 29 -2.90 -2.93 -13.99
N ALA B 30 -3.54 -3.39 -12.91
CA ALA B 30 -4.41 -4.56 -13.04
C ALA B 30 -5.69 -4.19 -13.79
N SER B 31 -6.29 -5.19 -14.47
CA SER B 31 -7.50 -4.96 -15.25
C SER B 31 -8.77 -5.29 -14.52
N ALA B 32 -8.64 -6.13 -13.48
CA ALA B 32 -9.83 -6.64 -12.80
C ALA B 32 -9.48 -7.05 -11.38
N ILE B 33 -10.51 -7.03 -10.54
CA ILE B 33 -10.44 -7.64 -9.22
C ILE B 33 -11.66 -8.53 -9.03
N LEU B 34 -11.42 -9.69 -8.38
CA LEU B 34 -12.46 -10.59 -7.94
C LEU B 34 -12.33 -10.73 -6.42
N VAL B 35 -13.45 -10.60 -5.75
CA VAL B 35 -13.50 -10.65 -4.31
C VAL B 35 -14.33 -11.85 -3.90
N ASP B 36 -13.86 -12.58 -2.90
CA ASP B 36 -14.59 -13.79 -2.50
C ASP B 36 -16.03 -13.50 -2.04
N GLU B 37 -16.20 -12.77 -0.93
CA GLU B 37 -17.52 -12.56 -0.38
C GLU B 37 -18.29 -11.52 -1.20
N ARG B 38 -19.55 -11.84 -1.50
CA ARG B 38 -20.41 -10.90 -2.20
C ARG B 38 -20.50 -9.60 -1.37
N ASP B 39 -20.34 -8.46 -2.06
CA ASP B 39 -20.47 -7.17 -1.41
C ASP B 39 -20.97 -6.15 -2.43
N GLU B 40 -22.29 -5.96 -2.50
CA GLU B 40 -22.86 -5.00 -3.46
C GLU B 40 -22.41 -3.58 -3.15
N THR B 41 -22.31 -3.20 -1.88
CA THR B 41 -21.87 -1.85 -1.52
C THR B 41 -20.44 -1.58 -2.02
N LEU B 42 -19.54 -2.56 -1.90
CA LEU B 42 -18.23 -2.41 -2.46
C LEU B 42 -18.28 -2.28 -3.99
N GLU B 43 -19.08 -3.11 -4.66
CA GLU B 43 -19.16 -3.05 -6.10
C GLU B 43 -19.54 -1.61 -6.53
N ASN B 44 -20.55 -1.06 -5.84
CA ASN B 44 -21.10 0.25 -6.15
C ASN B 44 -20.04 1.31 -5.89
N THR B 45 -19.28 1.22 -4.80
CA THR B 45 -18.19 2.17 -4.57
C THR B 45 -17.17 2.14 -5.70
N ILE B 46 -16.70 0.95 -6.02
CA ILE B 46 -15.60 0.85 -6.97
C ILE B 46 -16.12 1.23 -8.36
N ARG B 47 -17.34 0.75 -8.71
CA ARG B 47 -17.88 1.09 -10.01
C ARG B 47 -18.05 2.60 -10.14
N GLY B 48 -18.39 3.26 -9.02
CA GLY B 48 -18.40 4.70 -8.96
C GLY B 48 -17.05 5.35 -9.31
N VAL B 49 -15.95 4.84 -8.73
CA VAL B 49 -14.64 5.35 -9.05
C VAL B 49 -14.32 5.19 -10.52
N ILE B 50 -14.56 3.99 -11.04
CA ILE B 50 -14.27 3.66 -12.43
C ILE B 50 -15.03 4.63 -13.33
N SER B 51 -16.32 4.86 -13.04
CA SER B 51 -17.11 5.84 -13.80
C SER B 51 -16.49 7.23 -13.74
N ASN B 52 -16.12 7.68 -12.54
CA ASN B 52 -15.60 9.02 -12.34
C ASN B 52 -14.19 9.18 -12.89
N PHE B 53 -13.32 8.17 -12.79
CA PHE B 53 -11.92 8.36 -13.15
C PHE B 53 -11.54 7.67 -14.44
N GLY B 54 -12.47 6.90 -15.06
CA GLY B 54 -12.19 6.38 -16.39
C GLY B 54 -11.59 4.97 -16.47
N GLY B 55 -11.62 4.41 -17.68
CA GLY B 55 -11.02 3.11 -17.96
C GLY B 55 -12.03 1.99 -17.75
N SER B 56 -11.58 0.75 -17.98
CA SER B 56 -12.46 -0.40 -18.01
C SER B 56 -12.11 -1.41 -16.92
N PHE B 57 -11.59 -0.91 -15.78
CA PHE B 57 -11.34 -1.84 -14.67
C PHE B 57 -12.64 -2.48 -14.24
N SER B 58 -12.58 -3.78 -13.91
CA SER B 58 -13.72 -4.59 -13.57
C SER B 58 -13.62 -5.00 -12.09
N ILE B 59 -14.75 -4.99 -11.39
CA ILE B 59 -14.89 -5.66 -10.09
C ILE B 59 -16.05 -6.65 -10.13
N LYS B 60 -15.79 -7.84 -9.58
CA LYS B 60 -16.82 -8.83 -9.34
C LYS B 60 -16.62 -9.34 -7.92
N THR B 61 -17.74 -9.61 -7.25
CA THR B 61 -17.72 -10.13 -5.89
C THR B 61 -18.65 -11.34 -5.81
N GLY B 62 -18.45 -12.17 -4.79
CA GLY B 62 -19.23 -13.39 -4.59
C GLY B 62 -18.65 -14.47 -5.48
N CME B 63 -17.33 -14.63 -5.40
CA CME B 63 -16.56 -15.52 -6.25
CB CME B 63 -15.37 -14.79 -6.86
SG CME B 63 -15.85 -13.29 -7.74
SD CME B 63 -16.27 -14.06 -9.64
CE CME B 63 -18.03 -14.30 -9.32
CZ CME B 63 -18.81 -13.08 -9.48
OH CME B 63 -19.07 -12.85 -10.82
C CME B 63 -16.07 -16.70 -5.41
O CME B 63 -15.72 -16.57 -4.26
N ASN B 64 -15.99 -17.84 -6.05
CA ASN B 64 -15.41 -19.05 -5.44
C ASN B 64 -13.91 -19.01 -5.70
N TRP B 65 -13.13 -18.63 -4.67
CA TRP B 65 -11.76 -18.23 -4.96
C TRP B 65 -10.91 -19.44 -5.38
N ILE B 66 -11.15 -20.59 -4.73
CA ILE B 66 -10.39 -21.79 -5.11
C ILE B 66 -10.69 -22.11 -6.57
N GLN B 67 -11.94 -22.04 -6.99
CA GLN B 67 -12.18 -22.37 -8.39
C GLN B 67 -11.57 -21.33 -9.35
N GLU B 68 -11.66 -20.03 -8.97
CA GLU B 68 -11.13 -19.02 -9.85
C GLU B 68 -9.62 -19.17 -9.98
N PHE B 69 -8.94 -19.46 -8.87
CA PHE B 69 -7.51 -19.54 -8.88
C PHE B 69 -7.04 -20.82 -9.61
N LYS B 70 -7.69 -21.94 -9.28
CA LYS B 70 -7.39 -23.25 -9.87
C LYS B 70 -7.51 -23.20 -11.38
N HIS B 71 -8.61 -22.61 -11.90
CA HIS B 71 -8.94 -22.71 -13.32
C HIS B 71 -8.49 -21.49 -14.11
N PHE B 72 -7.78 -20.53 -13.50
CA PHE B 72 -7.35 -19.36 -14.24
C PHE B 72 -6.40 -19.77 -15.35
N GLN B 73 -6.59 -19.18 -16.54
CA GLN B 73 -5.76 -19.52 -17.71
C GLN B 73 -4.56 -18.56 -17.81
N GLY B 74 -3.53 -18.91 -17.08
CA GLY B 74 -2.36 -18.07 -16.97
C GLY B 74 -1.60 -18.40 -15.69
N ILE B 75 -0.73 -17.48 -15.27
CA ILE B 75 0.17 -17.66 -14.13
C ILE B 75 -0.63 -17.29 -12.86
N ARG B 76 -0.60 -18.18 -11.86
CA ARG B 76 -1.21 -17.94 -10.56
C ARG B 76 -0.11 -17.50 -9.59
N VAL B 77 -0.20 -16.27 -9.06
CA VAL B 77 0.76 -15.70 -8.12
C VAL B 77 0.04 -15.54 -6.78
N HIS B 78 0.67 -16.03 -5.72
CA HIS B 78 0.19 -15.94 -4.38
C HIS B 78 1.12 -15.03 -3.59
N LEU B 79 0.58 -13.89 -3.12
CA LEU B 79 1.40 -12.96 -2.36
C LEU B 79 1.31 -13.39 -0.91
N THR B 80 2.45 -13.71 -0.30
CA THR B 80 2.45 -14.30 1.04
C THR B 80 3.82 -14.15 1.68
N MET B 81 3.80 -14.04 3.03
CA MET B 81 5.05 -14.00 3.81
C MET B 81 5.81 -15.32 3.74
N TYR B 82 5.11 -16.40 3.36
CA TYR B 82 5.69 -17.73 3.25
C TYR B 82 6.28 -17.95 1.86
N GLY B 83 6.59 -16.86 1.14
CA GLY B 83 7.01 -17.02 -0.23
C GLY B 83 8.45 -16.62 -0.44
N ARG B 84 8.99 -17.02 -1.59
CA ARG B 84 10.30 -16.56 -1.94
C ARG B 84 10.21 -15.11 -2.42
N ARG B 85 11.36 -14.44 -2.38
CA ARG B 85 11.46 -13.03 -2.70
C ARG B 85 11.08 -12.78 -4.16
N ILE B 86 10.28 -11.71 -4.36
CA ILE B 86 9.73 -11.31 -5.63
C ILE B 86 10.83 -11.21 -6.70
N ASN B 87 11.99 -10.64 -6.34
CA ASN B 87 13.06 -10.40 -7.32
C ASN B 87 13.55 -11.70 -7.94
N ASP B 88 13.48 -12.80 -7.19
CA ASP B 88 13.92 -14.09 -7.68
C ASP B 88 13.10 -14.54 -8.88
N VAL B 89 11.82 -14.12 -9.03
CA VAL B 89 10.94 -14.73 -10.00
C VAL B 89 10.26 -13.71 -10.91
N ILE B 90 10.39 -12.40 -10.65
CA ILE B 90 9.55 -11.44 -11.35
C ILE B 90 9.86 -11.41 -12.86
N ASP B 91 11.12 -11.57 -13.23
CA ASP B 91 11.48 -11.50 -14.65
C ASP B 91 10.79 -12.60 -15.47
N GLU B 92 10.84 -13.82 -14.93
CA GLU B 92 10.24 -15.00 -15.51
C GLU B 92 8.73 -14.87 -15.60
N ILE B 93 8.12 -14.30 -14.55
CA ILE B 93 6.69 -14.02 -14.64
C ILE B 93 6.39 -13.05 -15.78
N ARG B 94 7.14 -11.93 -15.79
CA ARG B 94 6.90 -10.88 -16.77
C ARG B 94 7.16 -11.38 -18.21
N ASN B 95 8.25 -12.13 -18.35
CA ASN B 95 8.71 -12.63 -19.65
C ASN B 95 7.81 -13.72 -20.19
N SER B 96 6.90 -14.28 -19.38
CA SER B 96 6.08 -15.41 -19.75
C SER B 96 5.08 -15.06 -20.86
N GLY B 97 4.69 -13.79 -20.93
CA GLY B 97 3.65 -13.32 -21.82
C GLY B 97 2.25 -13.79 -21.44
N LYS B 98 2.06 -14.43 -20.28
CA LYS B 98 0.75 -14.95 -19.93
C LYS B 98 -0.01 -13.92 -19.08
N ASP B 99 -1.33 -14.06 -19.03
CA ASP B 99 -2.16 -13.34 -18.09
C ASP B 99 -1.74 -13.79 -16.70
N VAL B 100 -2.01 -12.95 -15.68
CA VAL B 100 -1.53 -13.23 -14.32
C VAL B 100 -2.69 -13.00 -13.35
N MET B 101 -2.89 -13.93 -12.40
CA MET B 101 -3.87 -13.76 -11.32
C MET B 101 -3.08 -13.64 -10.03
N VAL B 102 -3.26 -12.55 -9.28
CA VAL B 102 -2.47 -12.36 -8.06
CA VAL B 102 -2.49 -12.26 -8.06
C VAL B 102 -3.42 -12.41 -6.86
N LEU B 103 -3.16 -13.41 -6.02
CA LEU B 103 -3.96 -13.73 -4.83
C LEU B 103 -3.45 -12.88 -3.68
N VAL B 104 -4.39 -12.12 -3.09
CA VAL B 104 -4.06 -11.26 -1.96
CA VAL B 104 -4.14 -11.18 -2.01
C VAL B 104 -5.07 -11.52 -0.86
N GLY B 105 -4.55 -11.76 0.35
CA GLY B 105 -5.43 -11.79 1.50
C GLY B 105 -5.37 -13.14 2.24
N SER B 106 -4.47 -14.06 1.84
CA SER B 106 -4.41 -15.36 2.49
C SER B 106 -3.97 -15.21 3.97
N GLU B 107 -4.43 -16.15 4.81
CA GLU B 107 -4.27 -16.16 6.26
CA GLU B 107 -4.10 -16.13 6.22
C GLU B 107 -3.88 -17.57 6.70
N LYS B 108 -3.51 -17.71 8.01
CA LYS B 108 -3.17 -19.02 8.58
C LYS B 108 -1.91 -19.50 7.85
N VAL B 109 -1.66 -20.81 7.84
CA VAL B 109 -0.64 -21.30 6.92
C VAL B 109 -1.43 -21.61 5.67
N PRO B 110 -1.18 -20.86 4.58
CA PRO B 110 -2.09 -20.84 3.42
C PRO B 110 -1.89 -22.01 2.45
N ILE B 111 -2.33 -23.21 2.89
CA ILE B 111 -2.09 -24.45 2.18
C ILE B 111 -2.80 -24.42 0.83
N GLU B 112 -4.11 -24.07 0.82
CA GLU B 112 -4.88 -24.28 -0.39
C GLU B 112 -4.30 -23.38 -1.46
N ALA B 113 -3.82 -22.19 -1.06
CA ALA B 113 -3.22 -21.31 -2.06
C ALA B 113 -1.88 -21.87 -2.52
N TYR B 114 -1.07 -22.35 -1.57
CA TYR B 114 0.19 -22.99 -1.94
C TYR B 114 -0.05 -24.25 -2.79
N GLU B 115 -1.17 -24.96 -2.64
CA GLU B 115 -1.41 -26.13 -3.49
C GLU B 115 -1.60 -25.72 -4.95
N ILE B 116 -2.13 -24.49 -5.22
CA ILE B 116 -2.57 -24.07 -6.55
C ILE B 116 -1.54 -23.21 -7.27
N ALA B 117 -0.88 -22.31 -6.52
CA ALA B 117 -0.13 -21.23 -7.13
C ALA B 117 1.04 -21.75 -7.93
N ASP B 118 1.36 -21.03 -9.01
CA ASP B 118 2.60 -21.22 -9.75
C ASP B 118 3.78 -20.60 -9.01
N TYR B 119 3.55 -19.46 -8.32
CA TYR B 119 4.59 -18.75 -7.60
C TYR B 119 3.99 -18.21 -6.31
N ASN B 120 4.75 -18.31 -5.24
CA ASN B 120 4.44 -17.84 -3.91
C ASN B 120 5.53 -16.83 -3.62
N VAL B 121 5.14 -15.55 -3.45
CA VAL B 121 6.06 -14.43 -3.50
C VAL B 121 5.89 -13.54 -2.27
N SER B 122 7.05 -13.18 -1.69
CA SER B 122 7.14 -12.26 -0.56
C SER B 122 7.93 -11.02 -0.99
N VAL B 123 7.79 -9.98 -0.19
CA VAL B 123 8.52 -8.73 -0.36
C VAL B 123 9.62 -8.61 0.70
N THR B 124 9.29 -8.94 1.94
CA THR B 124 10.12 -8.73 3.11
C THR B 124 9.65 -9.67 4.20
N ASN B 125 10.48 -9.86 5.20
CA ASN B 125 10.14 -10.71 6.33
C ASN B 125 9.63 -9.85 7.48
N GLN B 126 9.56 -8.53 7.26
CA GLN B 126 8.93 -7.61 8.20
C GLN B 126 7.41 -7.60 7.97
N PRO B 127 6.60 -7.40 9.04
CA PRO B 127 5.15 -7.30 8.89
C PRO B 127 4.79 -6.10 8.01
N ILE B 128 4.02 -6.35 6.96
CA ILE B 128 3.63 -5.27 6.06
C ILE B 128 2.18 -5.45 5.73
N SER B 129 1.63 -4.46 5.08
CA SER B 129 0.30 -4.46 4.58
C SER B 129 0.20 -5.24 3.28
N GLU B 130 -0.90 -5.93 3.08
CA GLU B 130 -1.12 -6.59 1.79
C GLU B 130 -1.27 -5.53 0.71
N VAL B 131 -1.71 -4.31 1.08
CA VAL B 131 -1.91 -3.26 0.10
C VAL B 131 -0.55 -2.88 -0.48
N SER B 132 0.42 -2.67 0.40
CA SER B 132 1.79 -2.32 0.04
C SER B 132 2.48 -3.46 -0.71
N ALA B 133 2.17 -4.72 -0.33
CA ALA B 133 2.71 -5.89 -1.04
C ALA B 133 2.22 -5.93 -2.49
N LEU B 134 0.93 -5.66 -2.66
CA LEU B 134 0.35 -5.64 -4.01
C LEU B 134 0.94 -4.50 -4.81
N ALA B 135 1.08 -3.33 -4.19
CA ALA B 135 1.69 -2.21 -4.90
C ALA B 135 3.09 -2.53 -5.43
N ILE B 136 3.95 -3.10 -4.60
CA ILE B 136 5.31 -3.49 -4.97
C ILE B 136 5.29 -4.56 -6.04
N PHE B 137 4.41 -5.54 -5.92
CA PHE B 137 4.33 -6.58 -6.95
C PHE B 137 3.98 -5.99 -8.31
N LEU B 138 2.96 -5.12 -8.36
CA LEU B 138 2.57 -4.52 -9.62
C LEU B 138 3.66 -3.59 -10.14
N ASP B 139 4.26 -2.79 -9.24
CA ASP B 139 5.33 -1.92 -9.65
C ASP B 139 6.48 -2.71 -10.29
N ARG B 140 6.87 -3.84 -9.67
CA ARG B 140 7.93 -4.68 -10.19
C ARG B 140 7.50 -5.34 -11.50
N TYR B 141 6.25 -5.79 -11.60
CA TYR B 141 5.85 -6.43 -12.84
C TYR B 141 5.90 -5.44 -14.01
N PHE B 142 5.41 -4.21 -13.78
CA PHE B 142 5.34 -3.19 -14.84
C PHE B 142 6.60 -2.34 -14.95
N GLN B 143 7.61 -2.67 -14.17
CA GLN B 143 8.94 -2.06 -14.08
C GLN B 143 8.84 -0.57 -13.84
N GLY B 144 7.93 -0.15 -12.96
CA GLY B 144 7.89 1.25 -12.58
C GLY B 144 7.23 2.12 -13.65
N LYS B 145 6.52 1.52 -14.62
CA LYS B 145 5.95 2.27 -15.72
C LYS B 145 4.60 2.85 -15.31
N GLU B 146 4.28 4.04 -15.87
CA GLU B 146 3.11 4.83 -15.49
C GLU B 146 1.94 4.53 -16.41
N PHE B 147 0.72 4.91 -16.01
CA PHE B 147 -0.52 4.41 -16.60
C PHE B 147 -1.46 5.56 -16.98
N GLU B 148 -2.33 5.29 -17.98
CA GLU B 148 -3.08 6.31 -18.69
C GLU B 148 -4.57 5.95 -18.70
N PHE B 149 -5.40 6.80 -18.08
CA PHE B 149 -6.84 6.54 -17.96
C PHE B 149 -7.61 7.64 -18.68
#